data_3KZB
#
_entry.id   3KZB
#
_cell.length_a   71.893
_cell.length_b   159.799
_cell.length_c   47.336
_cell.angle_alpha   90.00
_cell.angle_beta   90.00
_cell.angle_gamma   90.00
#
_symmetry.space_group_name_H-M   'P 21 21 2'
#
loop_
_entity.id
_entity.type
_entity.pdbx_description
1 polymer Xylulokinase
2 non-polymer "ADENOSINE-5'-DIPHOSPHATE"
3 water water
#
_entity_poly.entity_id   1
_entity_poly.type   'polypeptide(L)'
_entity_poly.pdbx_seq_one_letter_code
;(MSE)SLAFYIATFDIGTTEVKAALADRDGGLHFQRSIALETYGDGNGPVEQDAGDWYDAVQRIASSWWQSGVDARRVSA
IVLSGQ(MSE)QNFLPLDQDHEPLHRAVLYSDKRPLKEAEEINARHGADNLWSALENP(MSE)TAASILPKLVFWRASFP
QAFGRLRHVVLGAKDYVVLRLTGRHATDRTNASTTGLYRPKDDAWHVELLADYGFSLDL(MSE)PRLLEPGEQVGGVSAL
AARQTGFVSGTPVLCGLGDAGAATLGVGVLDDEDAYLHLGTTGWLARLTQTDPVGD(MSE)PVGTIFRLAGIIAGKTLQV
APVLNAGNILQWALTLVGHRPGEDCAEYFH(MSE)AAAEVQGVTVPDGLLFVPYLHAERCPVELPAPRGALLGVTGATTR
AQILLAVLEGAALSLRWCAELLG(MSE)EKVGLLKVVGGGARSEAWLR(MSE)IADNLNVSLLVKPDAHLHPLRGLAALA
AVELEWSHSIQDFLREADLREPASNILHPQPCDEGRRRRKFERFKQCVETLGRLDEGHHHHHH
;
_entity_poly.pdbx_strand_id   A
#
# COMPACT_ATOMS: atom_id res chain seq x y z
N SER A 2 -13.75 -27.23 25.41
CA SER A 2 -12.55 -26.50 24.98
C SER A 2 -12.65 -24.98 25.21
N LEU A 3 -11.59 -24.26 24.83
CA LEU A 3 -11.55 -22.80 24.99
C LEU A 3 -10.88 -22.16 23.78
N ALA A 4 -11.23 -20.91 23.51
CA ALA A 4 -10.76 -20.22 22.33
C ALA A 4 -9.31 -19.80 22.43
N PHE A 5 -8.56 -20.05 21.36
CA PHE A 5 -7.21 -19.50 21.22
C PHE A 5 -7.24 -18.52 20.10
N TYR A 6 -6.33 -17.55 20.12
CA TYR A 6 -6.36 -16.46 19.16
C TYR A 6 -4.97 -16.08 18.68
N ILE A 7 -4.94 -15.45 17.51
CA ILE A 7 -3.74 -14.78 17.00
C ILE A 7 -3.98 -13.29 17.16
N ALA A 8 -3.08 -12.59 17.84
CA ALA A 8 -3.16 -11.13 17.91
C ALA A 8 -2.64 -10.53 16.61
N THR A 9 -3.51 -9.88 15.86
CA THR A 9 -3.14 -9.23 14.59
C THR A 9 -3.26 -7.71 14.69
N PHE A 10 -2.30 -6.99 14.11
CA PHE A 10 -2.33 -5.52 14.12
C PHE A 10 -1.95 -5.01 12.73
N ASP A 11 -2.51 -3.87 12.34
CA ASP A 11 -2.01 -3.11 11.20
C ASP A 11 -1.66 -1.71 11.69
N ILE A 12 -0.38 -1.33 11.59
CA ILE A 12 0.04 0.04 11.92
C ILE A 12 -0.06 0.86 10.64
N GLY A 13 -1.24 1.38 10.37
CA GLY A 13 -1.51 2.05 9.11
C GLY A 13 -1.19 3.54 9.15
N THR A 14 -1.50 4.24 8.07
CA THR A 14 -1.16 5.64 7.98
C THR A 14 -2.04 6.50 8.90
N THR A 15 -3.33 6.18 9.00
CA THR A 15 -4.18 7.04 9.79
C THR A 15 -4.71 6.38 11.07
N GLU A 16 -4.53 5.06 11.19
CA GLU A 16 -4.95 4.38 12.41
C GLU A 16 -4.35 3.01 12.58
N VAL A 17 -4.49 2.52 13.80
CA VAL A 17 -4.08 1.16 14.13
C VAL A 17 -5.30 0.28 14.32
N LYS A 18 -5.41 -0.73 13.46
CA LYS A 18 -6.51 -1.67 13.52
C LYS A 18 -5.98 -2.96 14.13
N ALA A 19 -6.83 -3.69 14.83
CA ALA A 19 -6.39 -4.92 15.47
C ALA A 19 -7.57 -5.84 15.69
N ALA A 20 -7.27 -7.13 15.86
CA ALA A 20 -8.28 -8.11 16.11
C ALA A 20 -7.60 -9.36 16.60
N LEU A 21 -8.34 -10.16 17.37
CA LEU A 21 -7.90 -11.49 17.77
C LEU A 21 -8.53 -12.50 16.81
N ALA A 22 -7.70 -13.29 16.14
CA ALA A 22 -8.16 -14.23 15.13
C ALA A 22 -8.33 -15.66 15.67
N ASP A 23 -9.53 -16.23 15.55
CA ASP A 23 -9.66 -17.63 15.91
C ASP A 23 -9.19 -18.55 14.78
N ARG A 24 -9.27 -19.85 15.00
CA ARG A 24 -8.78 -20.78 13.98
C ARG A 24 -9.76 -20.94 12.81
N ASP A 25 -11.00 -20.52 12.99
CA ASP A 25 -12.02 -20.65 11.96
C ASP A 25 -12.05 -19.43 11.03
N GLY A 26 -11.12 -18.49 11.24
CA GLY A 26 -11.04 -17.29 10.43
C GLY A 26 -11.87 -16.13 10.96
N GLY A 27 -12.37 -16.27 12.19
CA GLY A 27 -13.15 -15.21 12.83
C GLY A 27 -12.24 -14.14 13.39
N LEU A 28 -12.64 -12.90 13.23
CA LEU A 28 -11.89 -11.78 13.78
C LEU A 28 -12.66 -11.14 14.92
N HIS A 29 -12.15 -11.22 16.13
CA HIS A 29 -12.89 -10.82 17.31
C HIS A 29 -12.21 -9.67 18.06
N PHE A 30 -12.97 -9.01 18.92
CA PHE A 30 -12.45 -7.95 19.74
C PHE A 30 -11.71 -6.94 18.87
N GLN A 31 -12.40 -6.49 17.83
CA GLN A 31 -11.85 -5.54 16.88
C GLN A 31 -11.63 -4.19 17.52
N ARG A 32 -10.49 -3.60 17.20
CA ARG A 32 -10.10 -2.33 17.80
C ARG A 32 -9.58 -1.39 16.74
N SER A 33 -9.66 -0.11 17.06
CA SER A 33 -9.18 0.92 16.18
C SER A 33 -8.69 2.07 17.06
N ILE A 34 -7.45 2.48 16.86
CA ILE A 34 -6.91 3.67 17.52
C ILE A 34 -6.41 4.64 16.45
N ALA A 35 -6.83 5.89 16.52
CA ALA A 35 -6.44 6.85 15.49
C ALA A 35 -5.06 7.45 15.76
N LEU A 36 -4.31 7.68 14.69
CA LEU A 36 -2.99 8.29 14.81
C LEU A 36 -2.96 9.66 14.19
N GLU A 37 -2.18 10.54 14.77
CA GLU A 37 -2.08 11.88 14.22
C GLU A 37 -0.91 11.96 13.24
N THR A 38 -1.06 12.81 12.23
CA THR A 38 0.01 13.06 11.28
C THR A 38 0.43 14.55 11.29
N TYR A 39 1.73 14.79 11.20
CA TYR A 39 2.25 16.15 11.28
C TYR A 39 2.84 16.64 9.96
N GLY A 40 2.74 17.94 9.72
CA GLY A 40 3.22 18.51 8.48
C GLY A 40 2.20 19.35 7.73
N ASP A 41 0.92 19.20 8.07
CA ASP A 41 -0.14 19.98 7.46
C ASP A 41 -0.09 19.99 5.93
N GLY A 42 0.45 18.92 5.35
CA GLY A 42 0.54 18.77 3.90
C GLY A 42 1.38 19.82 3.19
N ASN A 43 2.29 20.45 3.93
CA ASN A 43 3.20 21.46 3.38
C ASN A 43 4.57 20.89 2.99
N GLY A 44 4.69 19.57 2.94
CA GLY A 44 5.97 18.95 2.62
C GLY A 44 6.30 17.78 3.53
N PRO A 45 6.47 18.05 4.83
CA PRO A 45 6.74 17.00 5.83
C PRO A 45 5.55 16.09 6.01
N VAL A 46 5.80 14.81 6.20
CA VAL A 46 4.75 13.92 6.59
C VAL A 46 5.36 13.04 7.67
N GLU A 47 5.11 13.35 8.94
CA GLU A 47 5.74 12.65 10.05
C GLU A 47 4.76 12.15 11.14
N GLN A 48 5.20 11.16 11.92
CA GLN A 48 4.44 10.67 13.08
C GLN A 48 5.41 10.34 14.23
N ASP A 49 4.89 10.37 15.47
CA ASP A 49 5.67 9.96 16.61
C ASP A 49 5.59 8.45 16.75
N ALA A 50 6.71 7.78 16.57
CA ALA A 50 6.72 6.32 16.57
C ALA A 50 6.12 5.74 17.84
N GLY A 51 6.32 6.43 18.95
CA GLY A 51 5.82 5.98 20.23
C GLY A 51 4.32 5.81 20.22
N ASP A 52 3.65 6.60 19.39
CA ASP A 52 2.21 6.52 19.24
C ASP A 52 1.79 5.15 18.77
N TRP A 53 2.60 4.55 17.91
CA TRP A 53 2.27 3.24 17.36
C TRP A 53 2.24 2.23 18.46
N TYR A 54 3.27 2.23 19.30
CA TYR A 54 3.36 1.27 20.40
C TYR A 54 2.34 1.63 21.47
N ASP A 55 2.17 2.93 21.69
CA ASP A 55 1.16 3.39 22.61
C ASP A 55 -0.18 2.80 22.22
N ALA A 56 -0.45 2.76 20.92
CA ALA A 56 -1.70 2.23 20.42
C ALA A 56 -1.80 0.73 20.72
N VAL A 57 -0.74 -0.01 20.43
CA VAL A 57 -0.69 -1.44 20.74
C VAL A 57 -0.93 -1.72 22.23
N GLN A 58 -0.28 -0.95 23.11
CA GLN A 58 -0.55 -1.09 24.54
C GLN A 58 -2.03 -0.91 24.84
N ARG A 59 -2.64 0.11 24.28
CA ARG A 59 -4.01 0.43 24.65
C ARG A 59 -4.98 -0.66 24.22
N ILE A 60 -4.72 -1.21 23.04
CA ILE A 60 -5.53 -2.30 22.53
C ILE A 60 -5.40 -3.56 23.37
N ALA A 61 -4.16 -3.90 23.74
CA ALA A 61 -3.96 -5.11 24.53
C ALA A 61 -4.61 -4.96 25.92
N SER A 62 -4.49 -3.79 26.50
CA SER A 62 -5.14 -3.49 27.77
C SER A 62 -6.64 -3.71 27.64
N SER A 63 -7.23 -3.14 26.60
CA SER A 63 -8.66 -3.27 26.34
CA SER A 63 -8.66 -3.28 26.34
C SER A 63 -9.07 -4.72 26.10
N TRP A 64 -8.14 -5.54 25.65
CA TRP A 64 -8.46 -6.94 25.47
C TRP A 64 -8.49 -7.66 26.83
N TRP A 65 -7.46 -7.48 27.65
CA TRP A 65 -7.44 -8.17 28.94
C TRP A 65 -8.64 -7.70 29.75
N GLN A 66 -8.92 -6.40 29.73
CA GLN A 66 -10.05 -5.88 30.49
C GLN A 66 -11.42 -6.20 29.87
N SER A 67 -11.42 -6.88 28.74
CA SER A 67 -12.66 -7.36 28.15
C SER A 67 -12.79 -8.86 28.36
N GLY A 68 -12.03 -9.38 29.32
CA GLY A 68 -12.15 -10.78 29.71
C GLY A 68 -11.28 -11.73 28.91
N VAL A 69 -10.42 -11.20 28.04
CA VAL A 69 -9.52 -12.07 27.28
C VAL A 69 -8.30 -12.48 28.09
N ASP A 70 -7.99 -13.76 28.03
CA ASP A 70 -6.85 -14.31 28.74
C ASP A 70 -5.59 -14.31 27.84
N ALA A 71 -4.61 -13.49 28.20
CA ALA A 71 -3.42 -13.29 27.35
C ALA A 71 -2.67 -14.59 27.03
N ARG A 72 -2.88 -15.62 27.84
CA ARG A 72 -2.24 -16.90 27.57
C ARG A 72 -2.87 -17.62 26.38
N ARG A 73 -4.09 -17.23 26.02
CA ARG A 73 -4.78 -17.86 24.92
C ARG A 73 -4.39 -17.21 23.61
N VAL A 74 -3.57 -16.18 23.71
CA VAL A 74 -3.01 -15.55 22.51
C VAL A 74 -1.69 -16.24 22.20
N SER A 75 -1.69 -16.97 21.09
CA SER A 75 -0.62 -17.93 20.83
C SER A 75 0.45 -17.34 19.96
N ALA A 76 0.14 -16.19 19.36
CA ALA A 76 1.10 -15.45 18.55
C ALA A 76 0.66 -14.02 18.26
N ILE A 77 1.65 -13.18 18.03
CA ILE A 77 1.42 -11.79 17.70
C ILE A 77 2.06 -11.54 16.35
N VAL A 78 1.29 -10.90 15.47
CA VAL A 78 1.80 -10.62 14.15
C VAL A 78 1.20 -9.33 13.64
N LEU A 79 2.04 -8.54 12.97
CA LEU A 79 1.62 -7.21 12.51
C LEU A 79 1.95 -6.94 11.04
N SER A 80 1.17 -6.04 10.46
CA SER A 80 1.50 -5.38 9.22
C SER A 80 1.50 -3.89 9.50
N GLY A 81 1.93 -3.08 8.55
CA GLY A 81 1.80 -1.65 8.71
C GLY A 81 2.38 -0.85 7.56
N GLN A 82 2.45 0.46 7.73
CA GLN A 82 3.12 1.36 6.79
C GLN A 82 4.45 0.82 6.33
N GLN A 84 8.01 1.65 4.02
CA GLN A 84 8.81 2.74 3.49
C GLN A 84 8.89 3.96 4.43
N ASN A 85 9.08 3.70 5.71
CA ASN A 85 9.31 4.77 6.67
C ASN A 85 10.79 5.02 6.80
N PHE A 86 11.11 6.21 7.27
CA PHE A 86 12.43 6.47 7.78
C PHE A 86 12.30 6.81 9.27
N LEU A 87 12.94 5.99 10.10
CA LEU A 87 12.88 6.19 11.55
C LEU A 87 14.23 5.92 12.18
N PRO A 88 14.93 6.99 12.60
CA PRO A 88 16.26 6.88 13.20
C PRO A 88 16.21 6.61 14.70
N LEU A 89 16.85 5.54 15.17
CA LEU A 89 16.90 5.27 16.61
C LEU A 89 18.30 5.31 17.20
N ASP A 90 18.38 5.67 18.48
CA ASP A 90 19.64 5.61 19.19
C ASP A 90 19.91 4.20 19.73
N GLN A 91 20.90 4.09 20.61
CA GLN A 91 21.32 2.82 21.19
C GLN A 91 20.28 2.23 22.13
N ASP A 92 19.40 3.05 22.69
CA ASP A 92 18.35 2.59 23.60
C ASP A 92 17.04 2.43 22.87
N HIS A 93 17.12 2.45 21.54
CA HIS A 93 15.94 2.31 20.69
C HIS A 93 15.00 3.49 20.80
N GLU A 94 15.51 4.65 21.18
CA GLU A 94 14.65 5.82 21.20
C GLU A 94 14.80 6.65 19.92
N PRO A 95 13.67 7.17 19.40
CA PRO A 95 13.69 7.94 18.17
C PRO A 95 14.54 9.17 18.28
N LEU A 96 15.29 9.45 17.23
CA LEU A 96 16.10 10.65 17.17
C LEU A 96 15.38 11.70 16.35
N HIS A 97 14.23 11.32 15.80
CA HIS A 97 13.47 12.18 14.94
C HIS A 97 12.12 11.53 14.78
N ARG A 98 11.12 12.32 14.42
CA ARG A 98 9.82 11.79 14.10
C ARG A 98 9.95 10.87 12.93
N ALA A 99 9.08 9.88 12.84
CA ALA A 99 9.06 8.98 11.71
C ALA A 99 8.61 9.75 10.48
N VAL A 100 9.40 9.67 9.42
CA VAL A 100 9.10 10.31 8.15
C VAL A 100 8.39 9.28 7.28
N LEU A 101 7.17 9.59 6.87
CA LEU A 101 6.35 8.60 6.15
C LEU A 101 6.66 8.53 4.64
N TYR A 102 6.14 7.50 3.97
CA TYR A 102 6.44 7.26 2.56
C TYR A 102 6.01 8.44 1.69
N SER A 103 4.90 9.07 2.03
CA SER A 103 4.38 10.11 1.18
C SER A 103 5.22 11.41 1.27
N ASP A 104 6.12 11.48 2.24
CA ASP A 104 7.08 12.57 2.33
C ASP A 104 8.06 12.45 1.17
N LYS A 105 8.25 13.55 0.44
CA LYS A 105 9.14 13.53 -0.72
C LYS A 105 9.94 14.81 -0.80
N ARG A 106 10.33 15.32 0.36
CA ARG A 106 11.11 16.54 0.43
C ARG A 106 12.49 16.47 -0.19
N PRO A 107 13.17 15.32 -0.12
CA PRO A 107 14.57 15.25 -0.57
C PRO A 107 14.81 15.17 -2.08
N LEU A 108 14.27 16.13 -2.82
CA LEU A 108 14.43 16.15 -4.27
C LEU A 108 15.88 16.16 -4.75
N LYS A 109 16.69 17.06 -4.20
CA LYS A 109 18.07 17.24 -4.64
C LYS A 109 18.97 16.04 -4.30
N GLU A 110 18.69 15.42 -3.15
CA GLU A 110 19.46 14.26 -2.71
C GLU A 110 19.21 13.05 -3.60
N ALA A 111 17.95 12.82 -3.98
CA ALA A 111 17.62 11.71 -4.88
C ALA A 111 18.24 11.95 -6.26
N GLU A 112 18.22 13.21 -6.68
CA GLU A 112 18.79 13.60 -7.94
C GLU A 112 20.29 13.28 -7.93
N GLU A 113 20.94 13.60 -6.82
CA GLU A 113 22.38 13.44 -6.70
C GLU A 113 22.71 11.98 -6.73
N ILE A 114 22.00 11.20 -5.93
CA ILE A 114 22.25 9.77 -5.84
C ILE A 114 22.13 9.12 -7.21
N ASN A 115 21.07 9.46 -7.93
CA ASN A 115 20.85 8.92 -9.25
C ASN A 115 21.96 9.32 -10.22
N ALA A 116 22.43 10.56 -10.11
CA ALA A 116 23.48 11.03 -10.98
C ALA A 116 24.78 10.32 -10.65
N ARG A 117 25.08 10.20 -9.38
CA ARG A 117 26.34 9.61 -8.96
C ARG A 117 26.46 8.14 -9.36
N HIS A 118 25.37 7.40 -9.19
CA HIS A 118 25.38 5.96 -9.40
C HIS A 118 24.84 5.50 -10.75
N GLY A 119 24.05 6.35 -11.40
CA GLY A 119 23.37 5.97 -12.62
C GLY A 119 21.99 5.42 -12.29
N ALA A 120 20.96 5.99 -12.91
CA ALA A 120 19.60 5.54 -12.65
C ALA A 120 19.40 4.10 -13.14
N ASP A 121 20.04 3.77 -14.25
CA ASP A 121 19.92 2.43 -14.81
C ASP A 121 20.59 1.37 -13.92
N ASN A 122 21.76 1.70 -13.37
CA ASN A 122 22.45 0.86 -12.39
C ASN A 122 21.62 0.61 -11.13
N LEU A 123 21.04 1.69 -10.60
CA LEU A 123 20.21 1.61 -9.42
C LEU A 123 18.97 0.79 -9.70
N TRP A 124 18.31 1.08 -10.81
CA TRP A 124 17.10 0.36 -11.15
C TRP A 124 17.44 -1.12 -11.28
N SER A 125 18.47 -1.37 -12.07
CA SER A 125 18.92 -2.72 -12.33
C SER A 125 19.18 -3.49 -11.04
N ALA A 126 19.74 -2.84 -10.03
CA ALA A 126 20.02 -3.50 -8.77
C ALA A 126 18.86 -3.54 -7.75
N LEU A 127 18.06 -2.48 -7.72
CA LEU A 127 17.02 -2.36 -6.71
C LEU A 127 15.70 -2.86 -7.23
N GLU A 128 15.58 -2.89 -8.55
CA GLU A 128 14.32 -3.28 -9.20
C GLU A 128 13.17 -2.41 -8.75
N ASN A 129 13.49 -1.24 -8.22
CA ASN A 129 12.49 -0.31 -7.70
C ASN A 129 12.89 1.15 -7.86
N PRO A 130 11.96 2.07 -7.61
CA PRO A 130 12.25 3.49 -7.82
C PRO A 130 13.30 4.04 -6.84
N THR A 132 13.73 7.64 -5.69
CA THR A 132 13.15 8.97 -5.71
C THR A 132 13.20 9.64 -4.34
N ALA A 133 12.67 10.86 -4.26
CA ALA A 133 12.72 11.64 -3.03
C ALA A 133 12.06 10.91 -1.87
N ALA A 134 11.13 10.01 -2.19
CA ALA A 134 10.43 9.25 -1.17
C ALA A 134 11.24 8.06 -0.64
N SER A 135 12.29 7.65 -1.37
CA SER A 135 13.15 6.52 -0.97
C SER A 135 14.00 6.78 0.28
N ILE A 136 14.33 5.73 1.01
CA ILE A 136 14.94 5.93 2.33
C ILE A 136 16.32 6.56 2.29
N LEU A 137 17.15 6.17 1.34
CA LEU A 137 18.50 6.75 1.25
C LEU A 137 18.51 8.29 1.18
N PRO A 138 17.73 8.88 0.25
CA PRO A 138 17.61 10.34 0.27
C PRO A 138 17.19 10.92 1.62
N LYS A 139 16.13 10.37 2.23
CA LYS A 139 15.65 10.88 3.51
C LYS A 139 16.71 10.84 4.62
N LEU A 140 17.50 9.78 4.59
CA LEU A 140 18.63 9.60 5.51
C LEU A 140 19.76 10.61 5.31
N VAL A 141 20.12 10.85 4.04
CA VAL A 141 21.08 11.89 3.68
C VAL A 141 20.58 13.27 4.08
N PHE A 142 19.34 13.56 3.71
CA PHE A 142 18.67 14.82 4.02
C PHE A 142 18.70 15.06 5.52
N TRP A 143 18.49 14.00 6.30
CA TRP A 143 18.44 14.13 7.77
C TRP A 143 19.82 14.28 8.42
N ARG A 144 20.80 13.55 7.92
CA ARG A 144 22.15 13.65 8.46
C ARG A 144 22.67 15.08 8.35
N ALA A 145 22.34 15.73 7.24
CA ALA A 145 22.90 17.05 6.95
C ALA A 145 22.31 18.12 7.85
N SER A 146 21.04 17.94 8.23
CA SER A 146 20.34 18.93 9.03
C SER A 146 20.47 18.67 10.52
N PHE A 147 20.84 17.45 10.90
CA PHE A 147 20.94 17.10 12.31
C PHE A 147 22.17 16.27 12.58
N PRO A 148 23.35 16.89 12.53
CA PRO A 148 24.62 16.17 12.65
C PRO A 148 24.80 15.56 14.05
N GLN A 149 24.31 16.25 15.08
CA GLN A 149 24.44 15.77 16.44
C GLN A 149 23.61 14.50 16.58
N ALA A 150 22.31 14.63 16.34
CA ALA A 150 21.45 13.46 16.38
C ALA A 150 22.10 12.32 15.58
N PHE A 151 22.64 12.64 14.40
CA PHE A 151 23.23 11.59 13.58
C PHE A 151 24.35 10.83 14.29
N GLY A 152 25.15 11.53 15.09
CA GLY A 152 26.17 10.89 15.87
C GLY A 152 25.60 9.80 16.76
N ARG A 153 24.36 9.95 17.16
CA ARG A 153 23.79 9.00 18.10
C ARG A 153 23.01 7.91 17.37
N LEU A 154 23.08 7.90 16.05
CA LEU A 154 22.29 6.96 15.28
C LEU A 154 22.77 5.52 15.41
N ARG A 155 21.89 4.60 15.77
CA ARG A 155 22.30 3.20 15.84
C ARG A 155 21.47 2.22 15.01
N HIS A 156 20.23 2.58 14.73
CA HIS A 156 19.32 1.69 14.01
C HIS A 156 18.43 2.53 13.12
N VAL A 157 18.12 2.01 11.93
CA VAL A 157 17.20 2.66 11.01
C VAL A 157 16.01 1.76 10.72
N VAL A 158 14.84 2.14 11.25
CA VAL A 158 13.61 1.38 11.06
C VAL A 158 12.99 1.80 9.75
N LEU A 159 12.46 0.84 9.00
CA LEU A 159 12.01 1.10 7.63
C LEU A 159 10.53 0.80 7.43
N GLY A 160 9.89 0.26 8.47
CA GLY A 160 8.45 0.03 8.46
C GLY A 160 7.86 0.26 9.84
N ALA A 161 6.67 0.84 9.92
CA ALA A 161 6.06 1.14 11.22
C ALA A 161 5.90 -0.08 12.16
N LYS A 162 5.52 -1.23 11.62
CA LYS A 162 5.27 -2.36 12.52
C LYS A 162 6.57 -2.97 13.00
N ASP A 163 7.67 -2.64 12.32
CA ASP A 163 9.00 -3.09 12.72
C ASP A 163 9.45 -2.45 14.02
N TYR A 164 9.08 -1.19 14.21
CA TYR A 164 9.34 -0.51 15.49
C TYR A 164 8.60 -1.19 16.62
N VAL A 165 7.33 -1.48 16.40
CA VAL A 165 6.54 -2.15 17.42
C VAL A 165 7.11 -3.55 17.69
N VAL A 166 7.57 -4.20 16.63
CA VAL A 166 8.19 -5.51 16.83
C VAL A 166 9.45 -5.33 17.65
N LEU A 167 10.16 -4.24 17.39
CA LEU A 167 11.33 -3.91 18.17
C LEU A 167 10.99 -3.65 19.65
N ARG A 168 9.92 -2.90 19.90
CA ARG A 168 9.56 -2.60 21.27
C ARG A 168 9.19 -3.88 21.98
N LEU A 169 8.65 -4.85 21.23
CA LEU A 169 8.10 -6.05 21.83
C LEU A 169 9.12 -7.15 22.15
N THR A 170 10.16 -7.25 21.32
CA THR A 170 11.08 -8.37 21.40
C THR A 170 12.49 -7.89 21.65
N GLY A 171 12.77 -6.66 21.26
CA GLY A 171 14.09 -6.09 21.43
C GLY A 171 15.01 -6.42 20.29
N ARG A 172 14.46 -7.03 19.24
CA ARG A 172 15.21 -7.31 18.04
C ARG A 172 14.72 -6.48 16.84
N HIS A 173 15.68 -6.07 16.01
CA HIS A 173 15.48 -5.18 14.86
C HIS A 173 15.48 -6.02 13.58
N ALA A 174 14.32 -6.06 12.91
CA ALA A 174 14.12 -6.86 11.71
C ALA A 174 13.10 -6.22 10.78
N THR A 175 12.93 -6.78 9.60
CA THR A 175 11.92 -6.31 8.65
C THR A 175 11.68 -7.41 7.63
N ASP A 176 10.62 -7.25 6.85
CA ASP A 176 10.27 -8.20 5.79
C ASP A 176 10.75 -7.72 4.42
N ARG A 177 10.95 -8.68 3.52
CA ARG A 177 11.44 -8.36 2.18
C ARG A 177 10.46 -7.51 1.37
N THR A 178 9.16 -7.67 1.62
CA THR A 178 8.19 -6.83 0.92
C THR A 178 8.44 -5.36 1.22
N ASN A 179 8.51 -5.02 2.49
CA ASN A 179 8.88 -3.66 2.87
C ASN A 179 10.27 -3.23 2.39
N ALA A 180 11.26 -4.10 2.53
CA ALA A 180 12.61 -3.77 2.07
C ALA A 180 12.59 -3.30 0.63
N SER A 181 11.80 -3.98 -0.19
CA SER A 181 11.69 -3.64 -1.60
C SER A 181 11.38 -2.18 -1.79
N THR A 182 10.46 -1.65 -0.99
CA THR A 182 9.99 -0.30 -1.21
C THR A 182 11.07 0.74 -0.94
N THR A 183 12.11 0.35 -0.20
CA THR A 183 13.02 1.33 0.38
C THR A 183 14.05 1.90 -0.60
N GLY A 184 14.34 1.15 -1.64
CA GLY A 184 15.41 1.51 -2.54
C GLY A 184 16.74 1.30 -1.86
N LEU A 185 16.81 0.32 -0.97
CA LEU A 185 18.05 -0.04 -0.27
C LEU A 185 18.36 -1.52 -0.39
N TYR A 186 17.47 -2.26 -1.03
CA TYR A 186 17.48 -3.71 -1.02
C TYR A 186 17.70 -4.33 -2.42
N ARG A 187 18.55 -5.36 -2.50
CA ARG A 187 18.75 -6.07 -3.76
C ARG A 187 18.00 -7.39 -3.80
N PRO A 188 16.91 -7.45 -4.58
CA PRO A 188 16.18 -8.71 -4.65
C PRO A 188 17.07 -9.89 -5.09
N LYS A 189 17.87 -9.71 -6.14
CA LYS A 189 18.61 -10.83 -6.73
C LYS A 189 19.70 -11.39 -5.84
N ASP A 190 20.33 -10.54 -5.04
CA ASP A 190 21.39 -10.98 -4.13
C ASP A 190 20.77 -11.31 -2.78
N ASP A 191 19.51 -10.92 -2.64
CA ASP A 191 18.76 -11.02 -1.41
C ASP A 191 19.44 -10.32 -0.23
N ALA A 192 19.74 -9.05 -0.40
CA ALA A 192 20.58 -8.34 0.57
C ALA A 192 20.53 -6.83 0.39
N TRP A 193 20.95 -6.11 1.41
CA TRP A 193 20.96 -4.67 1.31
C TRP A 193 22.04 -4.23 0.34
N HIS A 194 21.85 -3.06 -0.27
CA HIS A 194 22.76 -2.62 -1.29
C HIS A 194 24.01 -2.11 -0.63
N VAL A 195 24.97 -3.02 -0.42
CA VAL A 195 26.14 -2.68 0.39
C VAL A 195 26.96 -1.52 -0.15
N GLU A 196 27.36 -1.58 -1.42
CA GLU A 196 28.23 -0.54 -1.95
C GLU A 196 27.56 0.82 -1.94
N LEU A 197 26.24 0.84 -2.13
CA LEU A 197 25.50 2.09 -2.15
C LEU A 197 25.41 2.73 -0.77
N LEU A 198 25.18 1.92 0.27
CA LEU A 198 25.19 2.40 1.65
C LEU A 198 26.59 2.83 2.11
N ALA A 199 27.61 2.08 1.69
CA ALA A 199 28.98 2.38 2.11
C ALA A 199 29.49 3.63 1.42
N ASP A 200 29.03 3.85 0.19
CA ASP A 200 29.47 4.98 -0.59
C ASP A 200 28.99 6.31 0.02
N TYR A 201 27.94 6.24 0.83
CA TYR A 201 27.42 7.41 1.54
C TYR A 201 27.70 7.37 3.03
N GLY A 202 28.63 6.51 3.43
CA GLY A 202 29.12 6.51 4.80
C GLY A 202 28.18 5.94 5.84
N PHE A 203 27.40 4.95 5.43
CA PHE A 203 26.44 4.27 6.32
C PHE A 203 26.77 2.80 6.53
N SER A 204 26.83 2.37 7.78
CA SER A 204 27.16 0.97 8.06
C SER A 204 25.98 0.00 7.88
N LEU A 205 26.29 -1.26 7.59
CA LEU A 205 25.27 -2.27 7.50
C LEU A 205 24.59 -2.50 8.83
N ASP A 206 25.30 -2.20 9.91
CA ASP A 206 24.75 -2.39 11.25
C ASP A 206 23.46 -1.60 11.44
N LEU A 207 23.27 -0.57 10.64
CA LEU A 207 22.06 0.22 10.76
C LEU A 207 20.86 -0.54 10.26
N PRO A 209 18.00 -3.48 9.49
CA PRO A 209 17.28 -4.53 10.19
C PRO A 209 17.63 -5.84 9.54
N ARG A 210 17.47 -6.94 10.28
CA ARG A 210 17.66 -8.29 9.77
C ARG A 210 16.47 -8.66 8.90
N LEU A 211 16.72 -9.30 7.74
CA LEU A 211 15.61 -9.72 6.85
C LEU A 211 14.97 -11.03 7.29
N LEU A 212 13.65 -11.04 7.39
CA LEU A 212 12.94 -12.21 7.89
C LEU A 212 11.70 -12.52 7.07
N GLU A 213 11.35 -13.80 7.02
CA GLU A 213 10.10 -14.18 6.44
C GLU A 213 8.99 -13.67 7.35
N PRO A 214 7.83 -13.35 6.76
CA PRO A 214 6.64 -12.90 7.50
C PRO A 214 6.27 -13.90 8.61
N GLY A 215 6.44 -15.19 8.31
CA GLY A 215 6.08 -16.26 9.23
C GLY A 215 7.15 -16.64 10.23
N GLU A 216 8.38 -16.20 10.00
CA GLU A 216 9.45 -16.43 10.98
C GLU A 216 9.23 -15.69 12.29
N GLN A 217 9.57 -16.35 13.40
CA GLN A 217 9.48 -15.71 14.69
C GLN A 217 10.66 -14.78 14.87
N VAL A 218 10.39 -13.52 15.18
CA VAL A 218 11.45 -12.55 15.43
C VAL A 218 12.09 -12.76 16.80
N GLY A 219 11.24 -13.10 17.77
CA GLY A 219 11.65 -13.35 19.12
C GLY A 219 10.37 -13.50 19.91
N GLY A 220 10.51 -13.62 21.22
CA GLY A 220 9.34 -13.68 22.07
C GLY A 220 9.18 -12.36 22.78
N VAL A 221 7.96 -12.10 23.23
CA VAL A 221 7.69 -10.93 24.03
C VAL A 221 8.60 -10.97 25.25
N SER A 222 9.34 -9.88 25.44
CA SER A 222 10.30 -9.76 26.54
C SER A 222 9.60 -9.48 27.87
N ALA A 223 10.31 -9.71 28.96
CA ALA A 223 9.76 -9.44 30.28
C ALA A 223 9.24 -8.01 30.36
N LEU A 224 10.05 -7.08 29.87
CA LEU A 224 9.69 -5.67 29.91
C LEU A 224 8.47 -5.40 29.06
N ALA A 225 8.46 -5.91 27.84
CA ALA A 225 7.30 -5.67 26.99
C ALA A 225 6.07 -6.33 27.61
N ALA A 226 6.23 -7.49 28.23
CA ALA A 226 5.13 -8.10 28.96
C ALA A 226 4.57 -7.14 30.01
N ARG A 227 5.45 -6.45 30.72
CA ARG A 227 4.99 -5.50 31.75
C ARG A 227 4.29 -4.28 31.14
N GLN A 228 4.71 -3.91 29.94
CA GLN A 228 4.18 -2.71 29.28
C GLN A 228 2.84 -2.94 28.60
N THR A 229 2.58 -4.18 28.18
CA THR A 229 1.44 -4.48 27.31
C THR A 229 0.46 -5.42 28.00
N GLY A 230 1.02 -6.32 28.81
CA GLY A 230 0.22 -7.36 29.44
C GLY A 230 0.17 -8.66 28.65
N PHE A 231 0.87 -8.72 27.53
CA PHE A 231 1.05 -9.98 26.83
C PHE A 231 1.86 -10.90 27.73
N VAL A 232 1.79 -12.19 27.47
CA VAL A 232 2.63 -13.15 28.17
C VAL A 232 4.07 -13.16 27.60
N SER A 233 5.04 -12.93 28.46
CA SER A 233 6.44 -13.05 28.07
C SER A 233 6.74 -14.35 27.32
N GLY A 234 7.35 -14.25 26.14
CA GLY A 234 7.69 -15.44 25.36
C GLY A 234 6.65 -15.77 24.29
N THR A 235 5.47 -15.17 24.38
CA THR A 235 4.54 -15.23 23.27
C THR A 235 5.27 -14.89 21.98
N PRO A 236 5.18 -15.79 20.98
CA PRO A 236 5.80 -15.59 19.67
C PRO A 236 5.39 -14.28 19.00
N VAL A 237 6.38 -13.51 18.57
CA VAL A 237 6.13 -12.37 17.70
C VAL A 237 6.70 -12.70 16.33
N LEU A 238 5.82 -12.85 15.36
CA LEU A 238 6.23 -13.14 14.00
C LEU A 238 6.67 -11.86 13.35
N CYS A 239 7.41 -11.97 12.27
CA CYS A 239 7.84 -10.78 11.56
C CYS A 239 6.69 -10.05 10.84
N GLY A 240 5.76 -10.78 10.24
CA GLY A 240 4.67 -10.12 9.55
C GLY A 240 5.16 -9.50 8.27
N LEU A 241 4.39 -8.58 7.68
CA LEU A 241 4.85 -7.87 6.47
C LEU A 241 4.16 -6.53 6.17
N GLY A 242 4.75 -5.77 5.25
CA GLY A 242 4.19 -4.49 4.85
C GLY A 242 2.71 -4.62 4.53
N ASP A 243 1.96 -3.54 4.72
CA ASP A 243 0.51 -3.63 4.56
C ASP A 243 0.05 -4.00 3.16
N ALA A 244 0.82 -3.61 2.13
CA ALA A 244 0.45 -3.99 0.77
C ALA A 244 0.48 -5.51 0.63
N GLY A 245 1.54 -6.12 1.15
CA GLY A 245 1.62 -7.56 1.22
C GLY A 245 0.47 -8.23 1.96
N ALA A 246 0.13 -7.72 3.13
CA ALA A 246 -0.90 -8.31 3.97
C ALA A 246 -2.30 -8.13 3.39
N ALA A 247 -2.54 -6.96 2.83
CA ALA A 247 -3.82 -6.66 2.22
C ALA A 247 -4.05 -7.59 1.02
N THR A 248 -3.02 -7.79 0.20
CA THR A 248 -3.22 -8.64 -0.95
C THR A 248 -3.36 -10.11 -0.54
N LEU A 249 -2.56 -10.55 0.44
CA LEU A 249 -2.74 -11.89 0.99
C LEU A 249 -4.16 -12.03 1.53
N GLY A 250 -4.59 -11.03 2.30
CA GLY A 250 -5.90 -11.02 2.91
C GLY A 250 -7.10 -11.27 2.02
N VAL A 251 -6.96 -11.03 0.71
CA VAL A 251 -8.10 -11.17 -0.19
C VAL A 251 -7.85 -12.30 -1.18
N GLY A 252 -6.80 -13.06 -0.95
CA GLY A 252 -6.54 -14.22 -1.78
C GLY A 252 -5.69 -13.99 -3.02
N VAL A 253 -4.93 -12.91 -3.06
CA VAL A 253 -4.00 -12.72 -4.17
C VAL A 253 -2.77 -13.63 -3.99
N LEU A 254 -2.86 -14.86 -4.48
CA LEU A 254 -1.88 -15.91 -4.17
C LEU A 254 -1.20 -16.55 -5.38
N ASP A 255 -1.85 -16.47 -6.54
CA ASP A 255 -1.37 -17.18 -7.72
C ASP A 255 -0.91 -16.24 -8.83
N ASP A 256 -0.07 -16.79 -9.71
CA ASP A 256 0.41 -16.03 -10.85
C ASP A 256 -0.78 -15.42 -11.56
N GLU A 257 -0.57 -14.19 -12.03
CA GLU A 257 -1.64 -13.44 -12.70
C GLU A 257 -2.84 -13.11 -11.81
N ASP A 258 -2.73 -13.33 -10.51
CA ASP A 258 -3.68 -12.68 -9.64
C ASP A 258 -3.39 -11.17 -9.66
N ALA A 259 -4.43 -10.35 -9.47
CA ALA A 259 -4.28 -8.89 -9.51
C ALA A 259 -5.17 -8.19 -8.50
N TYR A 260 -4.82 -6.95 -8.20
CA TYR A 260 -5.43 -6.21 -7.09
C TYR A 260 -5.51 -4.74 -7.40
N LEU A 261 -6.61 -4.10 -6.99
CA LEU A 261 -6.75 -2.70 -7.26
C LEU A 261 -7.20 -2.02 -6.01
N HIS A 262 -6.42 -1.03 -5.58
CA HIS A 262 -6.81 -0.25 -4.44
C HIS A 262 -7.31 1.11 -4.95
N LEU A 263 -8.62 1.33 -4.83
CA LEU A 263 -9.23 2.58 -5.27
C LEU A 263 -9.65 3.50 -4.12
N GLY A 264 -8.70 4.05 -3.39
CA GLY A 264 -9.02 5.07 -2.39
C GLY A 264 -8.92 6.46 -2.97
N THR A 265 -8.68 7.45 -2.12
CA THR A 265 -8.51 8.82 -2.58
C THR A 265 -7.38 8.80 -3.59
N THR A 266 -6.32 8.11 -3.24
CA THR A 266 -5.32 7.74 -4.21
C THR A 266 -5.45 6.23 -4.38
N GLY A 267 -4.58 5.63 -5.19
CA GLY A 267 -4.75 4.22 -5.47
C GLY A 267 -3.51 3.49 -5.93
N TRP A 268 -3.68 2.19 -6.16
CA TRP A 268 -2.65 1.39 -6.80
C TRP A 268 -3.20 0.13 -7.43
N LEU A 269 -2.54 -0.31 -8.49
CA LEU A 269 -2.91 -1.53 -9.20
C LEU A 269 -1.78 -2.52 -9.11
N ALA A 270 -2.10 -3.77 -8.80
CA ALA A 270 -1.04 -4.77 -8.57
C ALA A 270 -1.23 -6.08 -9.33
N ARG A 271 -0.14 -6.59 -9.84
CA ARG A 271 -0.15 -7.88 -10.54
C ARG A 271 0.91 -8.78 -9.91
N LEU A 272 0.47 -9.92 -9.39
CA LEU A 272 1.38 -10.95 -8.88
C LEU A 272 1.86 -11.84 -10.02
N THR A 273 3.16 -12.14 -10.04
CA THR A 273 3.79 -12.86 -11.14
CA THR A 273 3.71 -12.97 -11.09
C THR A 273 4.97 -13.68 -10.63
N GLN A 274 5.50 -14.56 -11.46
CA GLN A 274 6.68 -15.28 -11.05
C GLN A 274 7.84 -14.33 -11.18
N THR A 275 8.71 -14.37 -10.16
CA THR A 275 9.88 -13.54 -10.16
C THR A 275 10.68 -13.78 -11.45
N ASP A 276 10.87 -12.72 -12.21
CA ASP A 276 11.58 -12.82 -13.47
C ASP A 276 12.75 -11.84 -13.48
N PRO A 277 13.65 -12.01 -14.45
CA PRO A 277 14.70 -10.99 -14.61
C PRO A 277 14.02 -9.64 -14.85
N VAL A 278 14.50 -8.61 -14.14
CA VAL A 278 13.98 -7.25 -14.29
C VAL A 278 14.25 -6.70 -15.71
N GLY A 279 13.26 -6.02 -16.27
CA GLY A 279 13.40 -5.42 -17.58
C GLY A 279 13.96 -4.01 -17.51
N ASP A 280 13.87 -3.28 -18.62
CA ASP A 280 14.40 -1.92 -18.70
C ASP A 280 13.62 -0.94 -17.84
N PRO A 282 11.33 1.72 -16.47
CA PRO A 282 10.03 2.21 -16.94
C PRO A 282 10.01 3.72 -16.98
N VAL A 283 9.26 4.30 -17.91
CA VAL A 283 8.95 5.73 -17.86
C VAL A 283 7.64 5.92 -17.10
N GLY A 284 7.53 5.21 -15.98
CA GLY A 284 6.39 5.26 -15.10
C GLY A 284 6.78 4.46 -13.87
N THR A 285 6.72 5.10 -12.72
CA THR A 285 7.09 4.45 -11.47
C THR A 285 6.48 3.05 -11.30
N ILE A 286 7.28 2.01 -11.47
CA ILE A 286 6.79 0.65 -11.24
C ILE A 286 7.56 -0.06 -10.14
N PHE A 287 6.88 -0.34 -9.02
CA PHE A 287 7.47 -1.15 -7.95
C PHE A 287 7.41 -2.64 -8.27
N ARG A 288 8.38 -3.38 -7.72
CA ARG A 288 8.37 -4.83 -7.77
C ARG A 288 8.66 -5.31 -6.36
N LEU A 289 7.61 -5.73 -5.66
CA LEU A 289 7.75 -6.13 -4.26
C LEU A 289 8.03 -7.64 -4.12
N ALA A 290 9.08 -7.96 -3.38
CA ALA A 290 9.45 -9.34 -3.14
C ALA A 290 8.79 -9.85 -1.87
N GLY A 291 8.83 -11.17 -1.69
CA GLY A 291 8.70 -11.78 -0.38
C GLY A 291 7.30 -12.07 0.11
N ILE A 292 6.29 -11.72 -0.66
CA ILE A 292 4.92 -12.00 -0.25
C ILE A 292 4.60 -13.49 -0.42
N ILE A 293 5.01 -14.04 -1.56
CA ILE A 293 4.94 -15.48 -1.79
C ILE A 293 6.28 -15.93 -2.34
N ALA A 294 6.70 -17.12 -1.94
CA ALA A 294 7.94 -17.68 -2.43
C ALA A 294 7.95 -17.73 -3.96
N GLY A 295 8.95 -17.08 -4.54
CA GLY A 295 9.16 -17.10 -5.98
C GLY A 295 8.30 -16.15 -6.79
N LYS A 296 7.51 -15.33 -6.11
CA LYS A 296 6.62 -14.41 -6.79
C LYS A 296 6.93 -12.96 -6.43
N THR A 297 6.53 -12.05 -7.30
CA THR A 297 6.80 -10.63 -7.14
C THR A 297 5.51 -9.86 -7.39
N LEU A 298 5.16 -8.97 -6.48
CA LEU A 298 4.02 -8.09 -6.76
C LEU A 298 4.51 -6.87 -7.54
N GLN A 299 4.00 -6.73 -8.76
CA GLN A 299 4.30 -5.55 -9.56
C GLN A 299 3.23 -4.52 -9.31
N VAL A 300 3.65 -3.39 -8.79
CA VAL A 300 2.71 -2.36 -8.39
C VAL A 300 2.90 -1.06 -9.15
N ALA A 301 1.79 -0.50 -9.57
CA ALA A 301 1.76 0.83 -10.12
C ALA A 301 0.95 1.71 -9.15
N PRO A 302 1.62 2.69 -8.52
CA PRO A 302 1.04 3.64 -7.58
C PRO A 302 0.35 4.76 -8.33
N VAL A 303 -0.89 5.05 -7.97
CA VAL A 303 -1.66 6.06 -8.66
C VAL A 303 -2.04 7.23 -7.76
N LEU A 304 -1.73 8.43 -8.16
CA LEU A 304 -2.02 9.57 -7.33
C LEU A 304 -3.29 10.29 -7.64
N ASN A 305 -3.92 9.94 -8.72
CA ASN A 305 -5.12 10.54 -9.16
C ASN A 305 -6.05 9.42 -9.30
N ALA A 306 -7.00 9.33 -8.41
CA ALA A 306 -7.84 8.19 -8.37
C ALA A 306 -9.21 8.55 -7.89
N GLY A 307 -9.59 8.08 -6.74
CA GLY A 307 -10.86 8.44 -6.23
C GLY A 307 -11.00 9.90 -5.93
N ASN A 308 -9.91 10.61 -6.03
CA ASN A 308 -9.91 12.02 -5.81
C ASN A 308 -10.37 12.76 -7.03
N ILE A 309 -10.28 12.10 -8.18
CA ILE A 309 -10.85 12.66 -9.39
C ILE A 309 -12.36 12.81 -9.36
N LEU A 310 -13.06 11.77 -8.96
CA LEU A 310 -14.49 11.74 -8.71
C LEU A 310 -14.92 12.73 -7.65
N GLN A 311 -14.16 12.76 -6.55
CA GLN A 311 -14.46 13.67 -5.48
C GLN A 311 -14.42 15.09 -6.01
N TRP A 312 -13.48 15.37 -6.90
CA TRP A 312 -13.36 16.71 -7.41
C TRP A 312 -14.57 17.06 -8.23
N ALA A 313 -14.98 16.10 -9.06
CA ALA A 313 -16.06 16.32 -10.00
C ALA A 313 -17.39 16.65 -9.33
N LEU A 314 -17.51 16.43 -8.03
CA LEU A 314 -18.76 16.78 -7.35
C LEU A 314 -19.03 18.28 -7.43
N THR A 315 -17.98 19.07 -7.65
CA THR A 315 -18.13 20.49 -7.86
C THR A 315 -19.11 20.73 -8.99
N LEU A 316 -19.09 19.82 -9.97
CA LEU A 316 -19.91 19.96 -11.18
C LEU A 316 -21.41 19.90 -10.91
N VAL A 317 -21.79 19.17 -9.86
CA VAL A 317 -23.19 19.06 -9.49
C VAL A 317 -23.49 19.93 -8.27
N GLY A 318 -22.61 20.89 -7.99
CA GLY A 318 -22.93 21.96 -7.07
C GLY A 318 -22.37 21.83 -5.67
N HIS A 319 -21.47 20.87 -5.49
CA HIS A 319 -20.82 20.69 -4.20
C HIS A 319 -19.91 21.87 -3.92
N ARG A 320 -19.90 22.27 -2.64
CA ARG A 320 -19.05 23.34 -2.15
C ARG A 320 -18.21 22.89 -0.95
N PRO A 321 -17.03 23.50 -0.80
CA PRO A 321 -15.92 23.17 0.12
C PRO A 321 -16.28 22.55 1.47
N GLY A 322 -17.31 23.06 2.14
CA GLY A 322 -17.61 22.57 3.47
C GLY A 322 -18.78 21.61 3.60
N GLU A 323 -19.30 21.14 2.47
CA GLU A 323 -20.53 20.38 2.50
C GLU A 323 -20.30 18.88 2.58
N ASP A 324 -21.23 18.17 3.18
CA ASP A 324 -21.17 16.71 3.19
C ASP A 324 -21.33 16.27 1.73
N CYS A 325 -20.65 15.20 1.35
CA CYS A 325 -20.55 14.79 -0.04
C CYS A 325 -21.57 13.77 -0.45
N ALA A 326 -22.26 13.18 0.52
CA ALA A 326 -23.20 12.09 0.28
C ALA A 326 -24.20 12.36 -0.83
N GLU A 327 -24.90 13.48 -0.75
CA GLU A 327 -25.98 13.74 -1.72
C GLU A 327 -25.46 14.00 -3.12
N TYR A 328 -24.20 14.39 -3.21
CA TYR A 328 -23.60 14.72 -4.49
C TYR A 328 -23.08 13.49 -5.23
N PHE A 329 -22.45 12.58 -4.49
CA PHE A 329 -22.14 11.27 -5.07
C PHE A 329 -23.41 10.62 -5.60
N HIS A 330 -24.50 10.85 -4.89
CA HIS A 330 -25.77 10.30 -5.29
C HIS A 330 -26.28 10.88 -6.62
N ALA A 332 -24.46 12.52 -9.00
CA ALA A 332 -23.51 12.09 -10.02
C ALA A 332 -23.78 10.66 -10.49
N ALA A 333 -24.14 9.77 -9.58
CA ALA A 333 -24.38 8.42 -10.01
C ALA A 333 -25.65 8.40 -10.84
N ALA A 334 -26.69 9.07 -10.32
CA ALA A 334 -27.98 9.13 -11.01
C ALA A 334 -27.84 9.72 -12.42
N GLU A 335 -27.06 10.78 -12.52
CA GLU A 335 -26.93 11.51 -13.77
C GLU A 335 -26.21 10.73 -14.88
N VAL A 336 -25.26 9.87 -14.52
CA VAL A 336 -24.55 9.14 -15.58
C VAL A 336 -25.24 7.84 -15.98
N GLN A 337 -26.41 7.58 -15.40
CA GLN A 337 -27.15 6.38 -15.75
C GLN A 337 -27.66 6.43 -17.17
N GLY A 338 -27.37 5.36 -17.92
CA GLY A 338 -27.80 5.21 -19.30
C GLY A 338 -27.14 6.19 -20.26
N VAL A 339 -26.11 6.89 -19.78
CA VAL A 339 -25.41 7.85 -20.63
C VAL A 339 -24.29 7.16 -21.39
N THR A 340 -23.94 7.67 -22.56
CA THR A 340 -22.77 7.19 -23.29
C THR A 340 -21.77 8.33 -23.54
N VAL A 341 -20.47 8.03 -23.41
CA VAL A 341 -19.44 9.02 -23.70
C VAL A 341 -19.04 9.01 -25.18
N PRO A 342 -19.16 10.18 -25.83
CA PRO A 342 -18.79 10.30 -27.24
C PRO A 342 -17.32 9.94 -27.42
N ASP A 343 -16.97 9.35 -28.57
CA ASP A 343 -15.58 8.97 -28.83
C ASP A 343 -14.68 10.18 -28.80
N GLY A 344 -15.25 11.35 -29.09
CA GLY A 344 -14.48 12.57 -29.16
C GLY A 344 -14.29 13.30 -27.84
N LEU A 345 -15.14 12.99 -26.87
CA LEU A 345 -15.08 13.66 -25.57
C LEU A 345 -14.11 12.91 -24.69
N LEU A 346 -13.13 13.63 -24.16
CA LEU A 346 -12.05 12.99 -23.44
C LEU A 346 -11.60 13.83 -22.24
N PHE A 347 -11.52 13.18 -21.09
CA PHE A 347 -11.09 13.85 -19.88
C PHE A 347 -9.76 13.31 -19.41
N VAL A 348 -8.79 14.20 -19.30
CA VAL A 348 -7.47 13.83 -18.79
C VAL A 348 -7.42 14.19 -17.32
N PRO A 349 -7.25 13.17 -16.46
CA PRO A 349 -7.63 13.26 -15.04
C PRO A 349 -6.49 13.60 -14.06
N TYR A 350 -5.39 14.14 -14.56
CA TYR A 350 -4.26 14.40 -13.68
C TYR A 350 -4.38 15.77 -13.02
N LEU A 351 -5.35 15.88 -12.12
CA LEU A 351 -5.62 17.12 -11.39
C LEU A 351 -4.57 17.35 -10.30
N HIS A 352 -3.78 16.31 -10.02
CA HIS A 352 -2.66 16.40 -9.12
C HIS A 352 -1.43 15.82 -9.82
N ALA A 353 -0.24 16.14 -9.31
CA ALA A 353 0.98 15.52 -9.82
C ALA A 353 0.83 14.01 -9.79
N GLU A 354 1.48 13.34 -10.73
CA GLU A 354 1.34 11.89 -10.90
C GLU A 354 2.67 11.15 -11.00
N ARG A 355 2.66 9.86 -10.65
CA ARG A 355 3.81 8.96 -10.84
C ARG A 355 3.55 7.94 -11.97
N CYS A 356 2.42 7.24 -11.86
CA CYS A 356 1.95 6.28 -12.88
CA CYS A 356 1.96 6.30 -12.88
C CYS A 356 0.62 6.71 -13.45
N PRO A 357 0.44 6.57 -14.76
CA PRO A 357 1.33 5.98 -15.76
C PRO A 357 2.43 6.91 -16.25
N VAL A 358 2.39 8.16 -15.82
CA VAL A 358 3.37 9.14 -16.24
C VAL A 358 3.89 9.96 -15.08
N GLU A 359 5.16 10.36 -15.18
CA GLU A 359 5.75 11.37 -14.31
C GLU A 359 5.24 12.78 -14.66
N LEU A 360 4.41 13.36 -13.78
CA LEU A 360 3.90 14.71 -13.99
C LEU A 360 4.05 15.52 -12.72
N PRO A 361 5.19 16.20 -12.55
CA PRO A 361 5.41 16.95 -11.31
C PRO A 361 4.35 18.04 -11.17
N ALA A 362 3.83 18.50 -12.31
CA ALA A 362 2.72 19.45 -12.34
C ALA A 362 1.46 18.82 -12.96
N PRO A 363 0.29 19.17 -12.41
CA PRO A 363 -1.01 18.70 -12.91
C PRO A 363 -1.16 18.87 -14.42
N ARG A 364 -1.96 18.01 -15.02
CA ARG A 364 -2.30 18.12 -16.43
C ARG A 364 -3.76 17.72 -16.56
N GLY A 365 -4.66 18.60 -16.15
CA GLY A 365 -6.09 18.34 -16.20
C GLY A 365 -6.79 19.08 -17.33
N ALA A 366 -7.57 18.35 -18.13
CA ALA A 366 -8.24 18.94 -19.28
C ALA A 366 -9.54 18.23 -19.63
N LEU A 367 -10.49 18.97 -20.19
CA LEU A 367 -11.64 18.34 -20.87
C LEU A 367 -11.58 18.69 -22.33
N LEU A 368 -11.43 17.67 -23.18
CA LEU A 368 -11.21 17.87 -24.61
C LEU A 368 -12.39 17.43 -25.46
N GLY A 369 -12.48 17.99 -26.65
CA GLY A 369 -13.52 17.58 -27.58
C GLY A 369 -14.91 18.00 -27.16
N VAL A 370 -15.00 19.12 -26.43
CA VAL A 370 -16.33 19.64 -26.10
C VAL A 370 -16.99 20.20 -27.35
N THR A 371 -18.21 19.78 -27.64
CA THR A 371 -19.00 20.43 -28.69
C THR A 371 -20.29 20.99 -28.09
N GLY A 372 -21.15 21.56 -28.92
CA GLY A 372 -22.38 22.12 -28.43
C GLY A 372 -23.34 21.06 -27.89
N ALA A 373 -23.12 19.81 -28.27
CA ALA A 373 -24.05 18.76 -27.92
C ALA A 373 -23.68 18.11 -26.62
N THR A 374 -22.51 18.50 -26.09
CA THR A 374 -21.97 17.95 -24.85
C THR A 374 -22.85 18.31 -23.66
N THR A 375 -23.24 17.32 -22.87
CA THR A 375 -24.09 17.58 -21.71
C THR A 375 -23.25 17.45 -20.46
N ARG A 376 -23.76 17.90 -19.32
CA ARG A 376 -23.02 17.69 -18.07
C ARG A 376 -22.90 16.19 -17.76
N ALA A 377 -23.94 15.43 -18.06
CA ALA A 377 -23.95 14.00 -17.75
C ALA A 377 -22.82 13.30 -18.48
N GLN A 378 -22.62 13.65 -19.73
CA GLN A 378 -21.53 13.08 -20.51
C GLN A 378 -20.21 13.49 -19.92
N ILE A 379 -20.16 14.70 -19.37
CA ILE A 379 -18.95 15.13 -18.73
C ILE A 379 -18.68 14.23 -17.54
N LEU A 380 -19.62 14.14 -16.61
CA LEU A 380 -19.42 13.31 -15.42
C LEU A 380 -18.88 11.94 -15.79
N LEU A 381 -19.48 11.32 -16.80
CA LEU A 381 -19.08 10.00 -17.23
C LEU A 381 -17.67 9.98 -17.81
N ALA A 382 -17.34 10.99 -18.61
CA ALA A 382 -16.02 11.03 -19.23
C ALA A 382 -14.96 11.10 -18.15
N VAL A 383 -15.31 11.69 -17.02
CA VAL A 383 -14.39 11.78 -15.91
C VAL A 383 -14.04 10.37 -15.43
N LEU A 384 -15.08 9.56 -15.23
CA LEU A 384 -14.86 8.18 -14.85
C LEU A 384 -14.05 7.46 -15.91
N GLU A 385 -14.45 7.64 -17.17
CA GLU A 385 -13.76 7.02 -18.30
C GLU A 385 -12.28 7.40 -18.30
N GLY A 386 -11.99 8.69 -18.14
CA GLY A 386 -10.63 9.21 -18.14
C GLY A 386 -9.81 8.63 -17.01
N ALA A 387 -10.42 8.53 -15.84
CA ALA A 387 -9.77 7.92 -14.69
C ALA A 387 -9.45 6.45 -14.98
N ALA A 388 -10.42 5.76 -15.58
CA ALA A 388 -10.28 4.36 -15.98
C ALA A 388 -9.24 4.18 -17.09
N LEU A 389 -9.08 5.19 -17.95
CA LEU A 389 -8.08 5.10 -19.01
C LEU A 389 -6.68 5.20 -18.42
N SER A 390 -6.53 5.96 -17.35
CA SER A 390 -5.28 6.02 -16.65
C SER A 390 -4.97 4.62 -16.14
N LEU A 391 -5.99 3.98 -15.57
CA LEU A 391 -5.84 2.63 -15.04
C LEU A 391 -5.46 1.61 -16.09
N ARG A 392 -6.06 1.72 -17.28
CA ARG A 392 -5.70 0.85 -18.40
C ARG A 392 -4.26 1.07 -18.80
N TRP A 393 -3.83 2.33 -18.84
CA TRP A 393 -2.43 2.63 -19.06
C TRP A 393 -1.54 1.90 -18.05
N CYS A 394 -1.89 1.96 -16.76
CA CYS A 394 -1.11 1.28 -15.73
C CYS A 394 -1.06 -0.24 -15.98
N ALA A 395 -2.21 -0.83 -16.36
CA ALA A 395 -2.28 -2.27 -16.61
C ALA A 395 -1.38 -2.65 -17.76
N GLU A 396 -1.39 -1.84 -18.80
CA GLU A 396 -0.50 -2.05 -19.91
C GLU A 396 0.97 -2.02 -19.46
N LEU A 397 1.33 -1.11 -18.57
CA LEU A 397 2.68 -1.06 -18.05
C LEU A 397 3.03 -2.30 -17.21
N LEU A 398 2.06 -2.75 -16.43
CA LEU A 398 2.27 -3.91 -15.58
C LEU A 398 2.22 -5.25 -16.35
N GLY A 399 1.86 -5.22 -17.63
CA GLY A 399 1.75 -6.42 -18.43
C GLY A 399 0.61 -7.33 -17.98
N GLU A 401 -2.12 -8.44 -19.50
CA GLU A 401 -2.92 -9.07 -20.55
C GLU A 401 -3.39 -10.48 -20.19
N LYS A 402 -2.76 -11.14 -19.22
CA LYS A 402 -3.19 -12.49 -18.84
C LYS A 402 -3.98 -12.54 -17.53
N VAL A 403 -4.29 -11.38 -16.96
CA VAL A 403 -5.00 -11.33 -15.71
C VAL A 403 -6.51 -11.59 -15.92
N GLY A 404 -7.07 -12.54 -15.18
CA GLY A 404 -8.45 -12.91 -15.37
C GLY A 404 -9.41 -12.14 -14.48
N LEU A 405 -8.96 -11.81 -13.28
CA LEU A 405 -9.84 -11.26 -12.26
C LEU A 405 -9.07 -10.30 -11.40
N LEU A 406 -9.72 -9.18 -11.07
CA LEU A 406 -9.10 -8.09 -10.36
C LEU A 406 -9.84 -7.89 -9.04
N LYS A 407 -9.12 -7.99 -7.92
CA LYS A 407 -9.74 -7.80 -6.62
C LYS A 407 -9.69 -6.34 -6.33
N VAL A 408 -10.83 -5.77 -5.97
CA VAL A 408 -10.94 -4.34 -5.90
C VAL A 408 -11.31 -3.93 -4.49
N VAL A 409 -10.59 -2.96 -3.96
CA VAL A 409 -10.92 -2.48 -2.63
C VAL A 409 -10.95 -0.98 -2.62
N GLY A 410 -11.69 -0.41 -1.69
CA GLY A 410 -11.66 1.03 -1.51
C GLY A 410 -12.99 1.70 -1.74
N GLY A 411 -13.05 2.97 -1.32
CA GLY A 411 -14.27 3.75 -1.39
C GLY A 411 -14.62 4.05 -2.82
N GLY A 412 -13.59 4.14 -3.66
CA GLY A 412 -13.77 4.31 -5.08
C GLY A 412 -14.76 3.34 -5.69
N ALA A 413 -14.75 2.10 -5.20
CA ALA A 413 -15.64 1.05 -5.70
C ALA A 413 -17.10 1.33 -5.39
N ARG A 414 -17.37 2.40 -4.65
CA ARG A 414 -18.76 2.77 -4.42
C ARG A 414 -19.45 3.30 -5.67
N SER A 415 -18.66 3.78 -6.63
CA SER A 415 -19.21 4.23 -7.90
C SER A 415 -19.39 3.05 -8.87
N GLU A 416 -20.60 2.50 -8.90
CA GLU A 416 -20.96 1.37 -9.76
C GLU A 416 -20.62 1.70 -11.20
N ALA A 417 -20.81 2.97 -11.54
CA ALA A 417 -20.50 3.47 -12.87
C ALA A 417 -19.00 3.40 -13.13
N TRP A 418 -18.19 3.74 -12.13
CA TRP A 418 -16.75 3.62 -12.31
C TRP A 418 -16.29 2.17 -12.52
N LEU A 419 -16.84 1.26 -11.73
CA LEU A 419 -16.43 -0.12 -11.84
C LEU A 419 -16.65 -0.61 -13.26
N ARG A 420 -17.77 -0.18 -13.82
CA ARG A 420 -18.21 -0.62 -15.13
C ARG A 420 -17.20 -0.10 -16.16
N ILE A 422 -14.10 0.62 -15.59
CA ILE A 422 -12.82 -0.03 -15.36
C ILE A 422 -12.79 -1.44 -15.94
N ALA A 423 -13.84 -2.20 -15.67
CA ALA A 423 -13.97 -3.55 -16.24
C ALA A 423 -13.92 -3.47 -17.75
N ASP A 424 -14.64 -2.51 -18.30
CA ASP A 424 -14.78 -2.44 -19.74
C ASP A 424 -13.48 -2.04 -20.37
N ASN A 425 -12.85 -1.01 -19.82
CA ASN A 425 -11.65 -0.50 -20.45
C ASN A 425 -10.40 -1.33 -20.20
N LEU A 426 -10.32 -1.94 -19.03
CA LEU A 426 -9.20 -2.84 -18.77
C LEU A 426 -9.45 -4.19 -19.40
N ASN A 427 -10.72 -4.42 -19.77
CA ASN A 427 -11.20 -5.71 -20.25
C ASN A 427 -10.85 -6.84 -19.29
N VAL A 428 -11.25 -6.68 -18.05
CA VAL A 428 -10.99 -7.68 -17.05
C VAL A 428 -12.18 -7.71 -16.14
N SER A 429 -12.41 -8.85 -15.49
CA SER A 429 -13.48 -8.99 -14.51
C SER A 429 -13.06 -8.42 -13.16
N LEU A 430 -14.04 -7.98 -12.38
CA LEU A 430 -13.76 -7.38 -11.08
C LEU A 430 -14.57 -8.07 -10.00
N LEU A 431 -13.98 -8.22 -8.83
CA LEU A 431 -14.70 -8.68 -7.64
C LEU A 431 -14.39 -7.73 -6.52
N VAL A 432 -15.44 -7.12 -5.97
CA VAL A 432 -15.23 -6.15 -4.91
C VAL A 432 -15.11 -6.83 -3.56
N LYS A 433 -14.12 -6.43 -2.78
CA LYS A 433 -13.88 -6.99 -1.48
C LYS A 433 -14.16 -5.93 -0.41
N PRO A 434 -15.28 -6.09 0.31
CA PRO A 434 -15.72 -5.12 1.33
C PRO A 434 -14.89 -5.20 2.60
N ASP A 435 -14.93 -4.13 3.40
CA ASP A 435 -14.27 -4.08 4.69
C ASP A 435 -12.76 -4.12 4.56
N ALA A 436 -12.22 -3.22 3.73
CA ALA A 436 -10.81 -3.24 3.38
C ALA A 436 -9.88 -3.16 4.58
N HIS A 437 -10.42 -2.72 5.72
CA HIS A 437 -9.59 -2.53 6.91
C HIS A 437 -9.25 -3.86 7.55
N LEU A 438 -10.10 -4.87 7.31
CA LEU A 438 -9.83 -6.20 7.85
C LEU A 438 -8.89 -7.03 6.98
N HIS A 439 -8.65 -6.60 5.74
CA HIS A 439 -7.87 -7.43 4.83
C HIS A 439 -6.46 -7.79 5.33
N PRO A 440 -5.69 -6.80 5.77
CA PRO A 440 -4.32 -7.14 6.20
C PRO A 440 -4.38 -8.09 7.39
N LEU A 441 -5.36 -7.90 8.26
CA LEU A 441 -5.55 -8.80 9.39
C LEU A 441 -5.85 -10.27 8.97
N ARG A 442 -6.69 -10.47 7.96
CA ARG A 442 -6.97 -11.82 7.47
C ARG A 442 -5.68 -12.45 6.93
N GLY A 443 -4.89 -11.63 6.24
CA GLY A 443 -3.68 -12.11 5.62
C GLY A 443 -2.72 -12.53 6.70
N LEU A 444 -2.49 -11.66 7.67
CA LEU A 444 -1.63 -11.96 8.80
C LEU A 444 -2.09 -13.21 9.56
N ALA A 445 -3.39 -13.28 9.83
CA ALA A 445 -3.95 -14.37 10.59
C ALA A 445 -3.70 -15.69 9.87
N ALA A 446 -3.80 -15.67 8.54
CA ALA A 446 -3.58 -16.88 7.76
C ALA A 446 -2.12 -17.29 7.77
N LEU A 447 -1.20 -16.34 7.61
CA LEU A 447 0.18 -16.75 7.64
C LEU A 447 0.55 -17.25 9.04
N ALA A 448 0.09 -16.56 10.08
CA ALA A 448 0.29 -17.05 11.46
C ALA A 448 -0.26 -18.46 11.69
N ALA A 449 -1.45 -18.72 11.17
CA ALA A 449 -2.13 -20.02 11.32
C ALA A 449 -1.30 -21.15 10.74
N VAL A 450 -0.62 -20.90 9.64
CA VAL A 450 0.22 -21.91 9.08
C VAL A 450 1.37 -22.22 10.02
N GLU A 451 1.97 -21.17 10.57
CA GLU A 451 3.12 -21.35 11.47
C GLU A 451 2.73 -22.05 12.76
N LEU A 452 1.51 -21.83 13.23
CA LEU A 452 1.03 -22.44 14.46
C LEU A 452 0.46 -23.84 14.21
N GLU A 453 0.45 -24.23 12.94
CA GLU A 453 -0.07 -25.53 12.51
C GLU A 453 -1.58 -25.64 12.69
N TRP A 454 -2.25 -24.51 12.60
CA TRP A 454 -3.71 -24.46 12.65
C TRP A 454 -4.28 -24.78 11.28
N SER A 455 -3.44 -24.61 10.27
CA SER A 455 -3.84 -24.79 8.88
CA SER A 455 -3.84 -24.80 8.87
C SER A 455 -2.64 -25.19 8.04
N HIS A 456 -2.87 -26.02 7.02
CA HIS A 456 -1.76 -26.49 6.20
C HIS A 456 -1.22 -25.44 5.25
N SER A 457 -2.08 -24.50 4.86
CA SER A 457 -1.67 -23.45 3.96
C SER A 457 -2.49 -22.18 4.16
N ILE A 458 -1.95 -21.07 3.67
CA ILE A 458 -2.65 -19.81 3.67
C ILE A 458 -3.93 -19.91 2.84
N GLN A 459 -3.79 -20.47 1.65
CA GLN A 459 -4.94 -20.67 0.79
C GLN A 459 -6.05 -21.40 1.55
N ASP A 460 -5.71 -22.53 2.17
CA ASP A 460 -6.69 -23.31 2.88
C ASP A 460 -7.33 -22.48 3.94
N PHE A 461 -6.53 -21.63 4.56
CA PHE A 461 -7.07 -20.82 5.64
C PHE A 461 -8.07 -19.79 5.14
N LEU A 462 -7.72 -19.09 4.07
CA LEU A 462 -8.63 -18.05 3.60
C LEU A 462 -9.92 -18.61 3.06
N ARG A 463 -9.80 -19.72 2.32
CA ARG A 463 -10.97 -20.34 1.72
C ARG A 463 -11.97 -20.80 2.77
N GLU A 464 -11.57 -21.20 3.95
CA GLU A 464 -12.54 -21.53 4.99
C GLU A 464 -13.41 -20.38 5.59
N ALA A 465 -12.76 -19.34 6.07
CA ALA A 465 -13.41 -18.12 6.50
C ALA A 465 -14.41 -17.56 5.48
N ASP A 466 -14.07 -17.85 4.25
CA ASP A 466 -14.84 -17.51 3.12
C ASP A 466 -16.13 -18.29 3.04
N LEU A 467 -16.16 -19.54 3.42
CA LEU A 467 -17.41 -20.25 3.48
C LEU A 467 -18.20 -19.53 4.51
N ARG A 468 -17.49 -19.10 5.53
CA ARG A 468 -18.19 -18.20 6.42
C ARG A 468 -19.06 -17.24 5.64
N GLU A 469 -18.54 -16.29 4.87
CA GLU A 469 -19.58 -15.64 3.96
C GLU A 469 -19.96 -16.52 2.78
N SER A 472 -20.60 -13.47 -3.39
CA SER A 472 -20.64 -12.21 -4.10
C SER A 472 -20.46 -12.36 -5.63
N ASN A 473 -21.26 -11.66 -6.44
CA ASN A 473 -21.11 -11.81 -7.91
C ASN A 473 -20.00 -10.98 -8.52
N ILE A 474 -19.17 -11.67 -9.29
CA ILE A 474 -18.12 -11.03 -10.07
C ILE A 474 -18.74 -10.16 -11.14
N LEU A 475 -18.16 -8.99 -11.36
CA LEU A 475 -18.56 -8.12 -12.46
C LEU A 475 -17.65 -8.33 -13.70
N HIS A 476 -18.26 -8.68 -14.83
CA HIS A 476 -17.54 -8.96 -16.08
C HIS A 476 -17.74 -7.83 -17.09
N PRO A 477 -16.74 -7.61 -17.97
CA PRO A 477 -16.83 -6.59 -19.02
C PRO A 477 -17.92 -6.86 -20.06
N GLN A 478 -18.63 -5.80 -20.47
CA GLN A 478 -19.47 -5.88 -21.66
C GLN A 478 -18.57 -6.12 -22.86
N PRO A 479 -19.12 -6.70 -23.91
CA PRO A 479 -18.41 -6.80 -25.17
C PRO A 479 -18.31 -5.42 -25.82
N CYS A 480 -17.20 -5.16 -26.48
CA CYS A 480 -16.83 -3.83 -26.87
C CYS A 480 -16.21 -3.99 -28.17
N ASP A 481 -16.17 -2.93 -28.93
CA ASP A 481 -15.34 -2.89 -30.09
C ASP A 481 -13.93 -2.73 -29.58
N GLU A 482 -13.31 -3.85 -29.28
CA GLU A 482 -11.97 -3.83 -28.78
C GLU A 482 -11.33 -2.67 -29.44
N GLY A 483 -11.24 -2.74 -30.75
CA GLY A 483 -10.45 -1.86 -31.54
C GLY A 483 -10.78 -0.42 -31.47
N ARG A 484 -11.98 -0.11 -31.02
CA ARG A 484 -12.47 1.24 -30.92
C ARG A 484 -12.21 1.84 -29.58
N ARG A 485 -12.28 1.00 -28.56
CA ARG A 485 -11.83 1.36 -27.23
C ARG A 485 -10.35 1.54 -27.26
N ARG A 486 -9.70 0.81 -28.15
CA ARG A 486 -8.25 0.85 -28.22
C ARG A 486 -7.78 2.13 -28.90
N ARG A 487 -8.57 2.63 -29.84
CA ARG A 487 -8.21 3.84 -30.54
C ARG A 487 -8.40 5.05 -29.64
N LYS A 488 -9.49 5.06 -28.86
CA LYS A 488 -9.69 6.12 -27.89
C LYS A 488 -8.59 6.11 -26.83
N PHE A 489 -8.10 4.91 -26.53
CA PHE A 489 -7.05 4.74 -25.53
C PHE A 489 -5.74 5.34 -26.04
N GLU A 490 -5.40 5.08 -27.29
CA GLU A 490 -4.16 5.63 -27.85
C GLU A 490 -4.28 7.15 -27.94
N ARG A 491 -5.44 7.63 -28.36
CA ARG A 491 -5.62 9.07 -28.48
C ARG A 491 -5.45 9.69 -27.12
N PHE A 492 -6.02 9.04 -26.11
CA PHE A 492 -5.85 9.46 -24.74
C PHE A 492 -4.37 9.57 -24.39
N LYS A 493 -3.56 8.63 -24.85
CA LYS A 493 -2.13 8.78 -24.61
C LYS A 493 -1.54 10.01 -25.35
N GLN A 494 -1.88 10.16 -26.63
CA GLN A 494 -1.41 11.29 -27.43
C GLN A 494 -1.79 12.66 -26.82
N CYS A 495 -2.92 12.71 -26.13
CA CYS A 495 -3.41 13.95 -25.53
C CYS A 495 -2.59 14.36 -24.32
N VAL A 496 -2.16 13.36 -23.55
CA VAL A 496 -1.34 13.64 -22.39
C VAL A 496 -0.03 14.28 -22.82
N GLU A 497 0.59 13.68 -23.82
CA GLU A 497 1.82 14.19 -24.38
C GLU A 497 1.62 15.57 -24.98
N THR A 498 0.64 15.72 -25.85
CA THR A 498 0.33 17.00 -26.47
C THR A 498 0.04 18.12 -25.46
N LEU A 499 -0.62 17.82 -24.35
CA LEU A 499 -0.87 18.86 -23.35
C LEU A 499 0.39 19.29 -22.65
N GLY A 500 1.48 18.57 -22.87
CA GLY A 500 2.76 18.93 -22.30
C GLY A 500 3.41 20.04 -23.11
N ARG A 501 2.72 20.46 -24.18
CA ARG A 501 3.26 21.42 -25.14
C ARG A 501 4.40 20.78 -25.92
#